data_6GC5
#
_entry.id   6GC5
#
_cell.length_a   151.287
_cell.length_b   40.258
_cell.length_c   106.496
_cell.angle_alpha   90.00
_cell.angle_beta   132.95
_cell.angle_gamma   90.00
#
_symmetry.space_group_name_H-M   'C 1 2 1'
#
loop_
_entity.id
_entity.type
_entity.pdbx_description
1 polymer 'ELAV-like protein 1'
2 polymer 'AU-rich RNA'
3 water water
#
loop_
_entity_poly.entity_id
_entity_poly.type
_entity_poly.pdbx_seq_one_letter_code
_entity_poly.pdbx_strand_id
1 'polypeptide(L)'
;GAMGSSGWCIFIYNLGQDADEGILWQMFGPFGAVTNVKVIRDFNTNKCKGFGFVTMTNYEEAAMAIASLNGYRLGDKILQ
VSFKTNKSHK
;
A,B,C,D
2 'polyribonucleotide' AUUUUUAUUUU E,F,G,H
#
# COMPACT_ATOMS: atom_id res chain seq x y z
N GLY A 7 11.55 14.12 -13.63
CA GLY A 7 10.18 14.22 -14.13
C GLY A 7 9.90 15.49 -14.94
N TRP A 8 8.69 16.03 -14.77
CA TRP A 8 8.23 17.16 -15.55
C TRP A 8 8.33 18.41 -14.69
N CYS A 9 9.01 19.41 -15.23
CA CYS A 9 9.30 20.62 -14.47
C CYS A 9 8.26 21.65 -14.80
N ILE A 10 7.66 22.22 -13.75
CA ILE A 10 6.62 23.24 -13.86
C ILE A 10 7.17 24.59 -13.36
N PHE A 11 6.96 25.64 -14.17
CA PHE A 11 7.27 27.03 -13.81
C PHE A 11 6.03 27.77 -13.23
N ILE A 12 6.23 28.49 -12.11
CA ILE A 12 5.13 29.22 -11.49
C ILE A 12 5.60 30.65 -11.29
N TYR A 13 4.85 31.61 -11.82
CA TYR A 13 5.15 33.02 -11.64
C TYR A 13 4.00 33.71 -10.90
N ASN A 14 4.35 34.79 -10.19
CA ASN A 14 3.49 35.54 -9.27
C ASN A 14 3.34 34.99 -7.83
N LEU A 15 4.39 34.33 -7.35
CA LEU A 15 4.50 34.05 -5.92
C LEU A 15 4.78 35.39 -5.23
N GLY A 16 4.36 35.55 -3.99
CA GLY A 16 4.73 36.75 -3.23
C GLY A 16 6.19 36.79 -2.80
N GLN A 17 6.65 37.95 -2.35
CA GLN A 17 8.04 38.14 -1.92
C GLN A 17 8.48 37.26 -0.75
N ASP A 18 7.55 36.91 0.13
CA ASP A 18 7.85 36.08 1.29
C ASP A 18 7.44 34.61 1.07
N ALA A 19 7.26 34.22 -0.17
CA ALA A 19 6.84 32.84 -0.43
C ALA A 19 7.94 31.87 0.02
N ASP A 20 7.55 30.68 0.47
CA ASP A 20 8.51 29.65 0.82
C ASP A 20 8.08 28.33 0.18
N GLU A 21 8.90 27.28 0.29
CA GLU A 21 8.64 26.01 -0.35
C GLU A 21 7.23 25.50 0.01
N GLY A 22 6.87 25.74 1.27
CA GLY A 22 5.58 25.26 1.77
C GLY A 22 4.42 25.57 0.82
N ILE A 23 4.42 26.75 0.23
CA ILE A 23 3.28 27.11 -0.61
C ILE A 23 3.23 26.26 -1.89
N LEU A 24 4.39 25.96 -2.46
CA LEU A 24 4.42 25.17 -3.67
C LEU A 24 3.96 23.77 -3.34
N TRP A 25 4.38 23.26 -2.17
CA TRP A 25 3.90 21.91 -1.81
C TRP A 25 2.39 21.90 -1.65
N GLN A 26 1.85 22.89 -0.96
CA GLN A 26 0.42 22.91 -0.73
C GLN A 26 -0.36 23.01 -2.04
N MET A 27 0.14 23.81 -2.98
CA MET A 27 -0.55 24.01 -4.25
C MET A 27 -0.51 22.79 -5.16
N PHE A 28 0.65 22.15 -5.27
CA PHE A 28 0.83 21.08 -6.27
C PHE A 28 0.62 19.68 -5.70
N GLY A 29 0.92 19.53 -4.40
CA GLY A 29 0.68 18.27 -3.70
C GLY A 29 -0.67 17.62 -3.99
N PRO A 30 -1.79 18.38 -3.93
CA PRO A 30 -3.05 17.66 -4.12
C PRO A 30 -3.26 17.07 -5.51
N PHE A 31 -2.42 17.43 -6.48
CA PHE A 31 -2.57 16.92 -7.86
C PHE A 31 -1.87 15.60 -8.21
N GLY A 32 -0.95 15.15 -7.38
CA GLY A 32 -0.26 13.92 -7.67
C GLY A 32 1.13 13.95 -7.07
N ALA A 33 1.96 13.00 -7.47
CA ALA A 33 3.32 12.89 -6.94
C ALA A 33 4.17 14.12 -7.32
N VAL A 34 4.71 14.76 -6.29
CA VAL A 34 5.62 15.89 -6.41
C VAL A 34 6.93 15.46 -5.75
N THR A 35 8.04 15.56 -6.47
CA THR A 35 9.32 15.10 -5.91
C THR A 35 10.19 16.23 -5.38
N ASN A 36 9.92 17.45 -5.84
CA ASN A 36 10.83 18.56 -5.53
C ASN A 36 10.12 19.87 -5.81
N VAL A 37 10.40 20.88 -4.99
CA VAL A 37 9.92 22.25 -5.23
C VAL A 37 11.04 23.23 -4.94
N LYS A 38 10.96 24.42 -5.51
CA LYS A 38 12.03 25.38 -5.28
C LYS A 38 11.53 26.78 -5.46
N VAL A 39 11.77 27.64 -4.48
CA VAL A 39 11.42 29.05 -4.65
C VAL A 39 12.71 29.79 -5.06
N ILE A 40 12.66 30.64 -6.08
CA ILE A 40 13.86 31.37 -6.45
C ILE A 40 13.92 32.71 -5.71
N ARG A 41 15.05 33.00 -5.07
CA ARG A 41 15.16 34.21 -4.25
C ARG A 41 16.30 35.05 -4.75
N ASP A 42 16.22 36.34 -4.47
CA ASP A 42 17.38 37.19 -4.62
C ASP A 42 18.34 36.88 -3.48
N PHE A 43 19.57 36.47 -3.80
CA PHE A 43 20.51 36.04 -2.76
C PHE A 43 20.80 37.16 -1.76
N ASN A 44 20.84 38.40 -2.23
CA ASN A 44 21.22 39.50 -1.36
C ASN A 44 20.12 40.14 -0.50
N THR A 45 18.86 39.81 -0.78
CA THR A 45 17.76 40.29 0.05
C THR A 45 17.04 39.12 0.71
N ASN A 46 17.31 37.92 0.23
CA ASN A 46 16.54 36.71 0.56
C ASN A 46 15.05 36.75 0.24
N LYS A 47 14.63 37.73 -0.56
CA LYS A 47 13.23 37.75 -0.98
C LYS A 47 13.01 36.87 -2.21
N CYS A 48 11.80 36.32 -2.32
CA CYS A 48 11.41 35.57 -3.51
C CYS A 48 11.35 36.53 -4.68
N LYS A 49 11.98 36.17 -5.79
CA LYS A 49 11.88 37.00 -7.01
C LYS A 49 10.54 36.89 -7.75
N GLY A 50 9.62 36.11 -7.22
CA GLY A 50 8.27 36.05 -7.77
C GLY A 50 7.95 34.71 -8.42
N PHE A 51 8.93 33.83 -8.54
CA PHE A 51 8.70 32.58 -9.25
C PHE A 51 9.40 31.39 -8.60
N GLY A 52 8.98 30.21 -9.02
CA GLY A 52 9.45 28.96 -8.46
C GLY A 52 9.23 27.84 -9.46
N PHE A 53 9.71 26.65 -9.06
CA PHE A 53 9.65 25.47 -9.91
C PHE A 53 9.18 24.29 -9.09
N VAL A 54 8.43 23.40 -9.72
CA VAL A 54 7.97 22.20 -9.02
C VAL A 54 8.21 21.06 -10.00
N THR A 55 8.58 19.89 -9.52
CA THR A 55 8.80 18.74 -10.39
C THR A 55 7.78 17.66 -10.04
N MET A 56 7.02 17.21 -11.04
CA MET A 56 5.99 16.19 -10.86
C MET A 56 6.32 14.98 -11.73
N THR A 57 6.02 13.79 -11.22
CA THR A 57 6.48 12.56 -11.84
C THR A 57 5.65 12.20 -13.08
N ASN A 58 4.36 12.48 -13.00
CA ASN A 58 3.42 11.96 -14.00
C ASN A 58 2.92 13.08 -14.91
N TYR A 59 3.08 12.92 -16.22
CA TYR A 59 2.76 13.99 -17.19
C TYR A 59 1.31 14.46 -17.03
N GLU A 60 0.38 13.51 -16.93
CA GLU A 60 -1.03 13.88 -16.86
C GLU A 60 -1.37 14.65 -15.59
N GLU A 61 -0.72 14.29 -14.49
CA GLU A 61 -0.97 14.98 -13.23
C GLU A 61 -0.37 16.39 -13.25
N ALA A 62 0.82 16.53 -13.83
CA ALA A 62 1.42 17.85 -14.05
C ALA A 62 0.52 18.74 -14.91
N ALA A 63 -0.07 18.15 -15.97
CA ALA A 63 -0.93 18.93 -16.85
C ALA A 63 -2.18 19.36 -16.10
N MET A 64 -2.72 18.47 -15.26
N MET A 64 -2.72 18.49 -15.25
CA MET A 64 -3.88 18.83 -14.47
CA MET A 64 -3.89 18.82 -14.46
C MET A 64 -3.54 19.97 -13.51
C MET A 64 -3.57 19.94 -13.47
N ALA A 65 -2.38 19.89 -12.86
CA ALA A 65 -1.96 20.95 -11.92
C ALA A 65 -1.84 22.29 -12.66
N ILE A 66 -1.16 22.26 -13.80
CA ILE A 66 -0.99 23.44 -14.64
C ILE A 66 -2.33 24.07 -15.03
N ALA A 67 -3.24 23.24 -15.55
CA ALA A 67 -4.55 23.75 -15.99
C ALA A 67 -5.39 24.26 -14.83
N SER A 68 -5.27 23.63 -13.66
CA SER A 68 -6.11 24.06 -12.55
C SER A 68 -5.56 25.33 -11.88
N LEU A 69 -4.24 25.48 -11.88
CA LEU A 69 -3.64 26.60 -11.14
C LEU A 69 -3.36 27.83 -12.00
N ASN A 70 -3.17 27.64 -13.30
CA ASN A 70 -2.83 28.76 -14.17
C ASN A 70 -4.03 29.70 -14.25
N GLY A 71 -3.82 30.95 -13.88
CA GLY A 71 -4.90 31.92 -13.90
C GLY A 71 -5.61 32.02 -12.57
N TYR A 72 -5.20 31.19 -11.61
CA TYR A 72 -5.84 31.19 -10.31
C TYR A 72 -5.17 32.21 -9.37
N ARG A 73 -5.89 32.68 -8.35
CA ARG A 73 -5.38 33.76 -7.50
C ARG A 73 -4.58 33.23 -6.30
N LEU A 74 -3.46 33.88 -6.02
CA LEU A 74 -2.69 33.64 -4.80
C LEU A 74 -2.37 35.03 -4.25
N GLY A 75 -2.91 35.32 -3.07
CA GLY A 75 -2.84 36.66 -2.54
C GLY A 75 -3.65 37.61 -3.42
N ASP A 76 -3.03 38.72 -3.83
CA ASP A 76 -3.69 39.68 -4.71
C ASP A 76 -3.24 39.51 -6.16
N LYS A 77 -2.59 38.40 -6.46
CA LYS A 77 -1.99 38.22 -7.77
C LYS A 77 -2.56 37.01 -8.53
N ILE A 78 -2.47 37.05 -9.85
CA ILE A 78 -2.95 35.95 -10.69
C ILE A 78 -1.78 35.06 -11.06
N LEU A 79 -1.85 33.77 -10.68
CA LEU A 79 -0.73 32.87 -10.99
C LEU A 79 -0.57 32.62 -12.47
N GLN A 80 0.69 32.50 -12.90
CA GLN A 80 0.96 32.03 -14.25
C GLN A 80 1.67 30.69 -14.05
N VAL A 81 1.08 29.62 -14.55
CA VAL A 81 1.67 28.30 -14.35
C VAL A 81 1.82 27.60 -15.70
N SER A 82 2.99 27.06 -15.98
CA SER A 82 3.22 26.43 -17.29
C SER A 82 4.40 25.47 -17.22
N PHE A 83 4.55 24.59 -18.20
CA PHE A 83 5.80 23.77 -18.25
C PHE A 83 7.03 24.66 -18.44
N LYS A 84 8.08 24.43 -17.64
CA LYS A 84 9.29 25.25 -17.72
C LYS A 84 9.89 25.26 -19.13
N THR A 85 10.39 26.43 -19.55
CA THR A 85 11.03 26.57 -20.86
C THR A 85 12.51 26.22 -20.78
N GLY B 7 -9.23 12.73 3.24
CA GLY B 7 -8.02 11.99 2.97
C GLY B 7 -7.66 10.96 4.03
N TRP B 8 -6.51 10.31 3.85
CA TRP B 8 -6.02 9.26 4.75
C TRP B 8 -4.86 9.78 5.55
N CYS B 9 -5.02 9.75 6.87
CA CYS B 9 -4.03 10.27 7.78
C CYS B 9 -2.95 9.24 8.17
N ILE B 10 -1.69 9.62 8.01
CA ILE B 10 -0.54 8.80 8.28
C ILE B 10 0.22 9.40 9.45
N PHE B 11 0.56 8.55 10.41
CA PHE B 11 1.33 8.92 11.62
C PHE B 11 2.76 8.44 11.43
N ILE B 12 3.71 9.31 11.76
CA ILE B 12 5.14 9.06 11.58
C ILE B 12 5.87 9.34 12.88
N TYR B 13 6.45 8.31 13.48
CA TYR B 13 7.17 8.45 14.74
C TYR B 13 8.69 8.36 14.51
N ASN B 14 9.44 9.05 15.37
CA ASN B 14 10.91 9.03 15.40
C ASN B 14 11.54 10.06 14.47
N LEU B 15 10.85 11.18 14.27
CA LEU B 15 11.44 12.33 13.60
C LEU B 15 12.47 12.87 14.59
N GLY B 16 13.49 13.56 14.10
CA GLY B 16 14.47 14.14 15.00
C GLY B 16 13.98 15.46 15.56
N GLN B 17 14.72 15.98 16.52
CA GLN B 17 14.38 17.24 17.17
C GLN B 17 14.36 18.38 16.17
N ASP B 18 15.19 18.31 15.12
CA ASP B 18 15.23 19.40 14.14
C ASP B 18 14.35 19.16 12.92
N ALA B 19 13.54 18.11 12.97
CA ALA B 19 12.64 17.80 11.85
C ALA B 19 11.74 18.97 11.45
N ASP B 20 11.48 19.07 10.15
CA ASP B 20 10.66 20.15 9.63
C ASP B 20 9.70 19.54 8.63
N GLU B 21 8.69 20.30 8.25
CA GLU B 21 7.65 19.82 7.33
C GLU B 21 8.26 19.42 5.97
N GLY B 22 9.22 20.22 5.53
CA GLY B 22 10.01 19.91 4.35
C GLY B 22 10.36 18.44 4.25
N ILE B 23 10.83 17.83 5.34
CA ILE B 23 11.28 16.44 5.24
C ILE B 23 10.12 15.47 4.95
N LEU B 24 8.98 15.71 5.58
CA LEU B 24 7.77 14.91 5.31
C LEU B 24 7.31 15.08 3.87
N TRP B 25 7.26 16.32 3.36
CA TRP B 25 6.86 16.51 1.97
C TRP B 25 7.78 15.75 1.06
N GLN B 26 9.09 15.84 1.33
CA GLN B 26 10.07 15.21 0.46
C GLN B 26 9.96 13.68 0.49
N MET B 27 9.60 13.13 1.64
CA MET B 27 9.46 11.67 1.74
C MET B 27 8.16 11.13 1.14
N PHE B 28 7.04 11.84 1.35
CA PHE B 28 5.72 11.33 0.96
C PHE B 28 5.25 11.78 -0.44
N GLY B 29 5.67 12.97 -0.82
CA GLY B 29 5.31 13.54 -2.12
C GLY B 29 5.56 12.59 -3.27
N PRO B 30 6.72 11.90 -3.28
CA PRO B 30 6.96 11.03 -4.44
C PRO B 30 5.95 9.88 -4.58
N PHE B 31 5.13 9.62 -3.56
CA PHE B 31 4.24 8.45 -3.60
C PHE B 31 2.83 8.72 -4.12
N GLY B 32 2.44 9.98 -4.20
CA GLY B 32 1.08 10.27 -4.60
C GLY B 32 0.67 11.64 -4.07
N ALA B 33 -0.62 11.96 -4.20
CA ALA B 33 -1.12 13.30 -3.86
C ALA B 33 -1.09 13.44 -2.34
N VAL B 34 -0.47 14.50 -1.87
CA VAL B 34 -0.35 14.74 -0.42
C VAL B 34 -1.05 16.06 -0.19
N THR B 35 -1.98 16.14 0.75
CA THR B 35 -2.72 17.40 0.93
C THR B 35 -2.35 18.17 2.17
N ASN B 36 -1.55 17.57 3.04
CA ASN B 36 -1.16 18.26 4.26
C ASN B 36 -0.06 17.49 5.01
N VAL B 37 0.84 18.21 5.67
CA VAL B 37 1.84 17.58 6.51
C VAL B 37 1.97 18.46 7.73
N LYS B 38 2.33 17.86 8.85
CA LYS B 38 2.46 18.59 10.09
C LYS B 38 3.52 17.93 10.97
N VAL B 39 4.45 18.71 11.51
CA VAL B 39 5.36 18.18 12.52
C VAL B 39 4.89 18.71 13.87
N ILE B 40 4.74 17.82 14.85
CA ILE B 40 4.21 18.23 16.13
C ILE B 40 5.35 18.73 16.99
N ARG B 41 5.16 19.90 17.57
CA ARG B 41 6.18 20.53 18.38
C ARG B 41 5.66 20.92 19.73
N ASP B 42 6.57 21.05 20.68
CA ASP B 42 6.27 21.53 22.01
C ASP B 42 6.07 23.05 22.03
N LYS B 47 10.80 22.65 19.57
CA LYS B 47 11.43 21.37 19.22
C LYS B 47 10.40 20.27 18.93
N CYS B 48 10.68 19.46 17.91
CA CYS B 48 9.73 18.44 17.51
C CYS B 48 9.55 17.41 18.63
N LYS B 49 8.33 16.94 18.82
CA LYS B 49 8.02 16.00 19.90
C LYS B 49 8.39 14.57 19.52
N GLY B 50 8.89 14.38 18.31
CA GLY B 50 9.26 13.05 17.88
C GLY B 50 8.35 12.46 16.80
N PHE B 51 7.25 13.13 16.49
CA PHE B 51 6.31 12.57 15.51
C PHE B 51 5.65 13.63 14.63
N GLY B 52 4.94 13.18 13.61
CA GLY B 52 4.18 14.10 12.81
C GLY B 52 3.17 13.33 11.96
N PHE B 53 2.48 14.07 11.09
CA PHE B 53 1.37 13.48 10.30
C PHE B 53 1.43 13.92 8.85
N VAL B 54 0.93 13.07 7.98
CA VAL B 54 0.78 13.40 6.57
C VAL B 54 -0.60 12.94 6.15
N THR B 55 -1.25 13.69 5.27
CA THR B 55 -2.54 13.28 4.75
C THR B 55 -2.43 13.05 3.25
N MET B 56 -2.80 11.84 2.80
CA MET B 56 -2.78 11.52 1.38
C MET B 56 -4.17 11.20 0.84
N THR B 57 -4.45 11.64 -0.37
CA THR B 57 -5.80 11.52 -0.93
C THR B 57 -6.18 10.09 -1.23
N ASN B 58 -5.26 9.35 -1.80
CA ASN B 58 -5.62 8.07 -2.38
C ASN B 58 -5.21 6.89 -1.47
N TYR B 59 -6.18 6.07 -1.08
CA TYR B 59 -5.87 4.99 -0.13
C TYR B 59 -4.69 4.10 -0.57
N GLU B 60 -4.67 3.71 -1.83
CA GLU B 60 -3.60 2.88 -2.37
C GLU B 60 -2.22 3.54 -2.28
N GLU B 61 -2.16 4.86 -2.56
CA GLU B 61 -0.87 5.53 -2.56
C GLU B 61 -0.40 5.72 -1.10
N ALA B 62 -1.33 5.98 -0.20
CA ALA B 62 -1.03 6.04 1.24
C ALA B 62 -0.46 4.71 1.71
N ALA B 63 -1.13 3.61 1.35
CA ALA B 63 -0.60 2.28 1.65
C ALA B 63 0.81 2.06 1.08
N MET B 64 1.05 2.50 -0.15
N MET B 64 1.04 2.52 -0.13
CA MET B 64 2.39 2.39 -0.71
CA MET B 64 2.37 2.39 -0.72
C MET B 64 3.41 3.16 0.15
C MET B 64 3.44 3.19 0.05
N ALA B 65 3.08 4.41 0.47
CA ALA B 65 4.03 5.24 1.22
C ALA B 65 4.31 4.53 2.54
N ILE B 66 3.27 4.06 3.18
CA ILE B 66 3.44 3.42 4.49
C ILE B 66 4.26 2.14 4.41
N ALA B 67 4.00 1.30 3.41
CA ALA B 67 4.70 0.02 3.30
C ALA B 67 6.15 0.27 2.94
N SER B 68 6.40 1.39 2.27
CA SER B 68 7.74 1.71 1.75
C SER B 68 8.63 2.43 2.78
N LEU B 69 8.02 3.25 3.62
CA LEU B 69 8.74 4.14 4.53
C LEU B 69 8.78 3.64 5.98
N ASN B 70 7.89 2.72 6.35
CA ASN B 70 8.03 2.15 7.67
C ASN B 70 9.37 1.45 7.74
N GLY B 71 10.17 1.79 8.75
CA GLY B 71 11.46 1.15 8.92
C GLY B 71 12.60 1.90 8.29
N TYR B 72 12.27 3.00 7.62
CA TYR B 72 13.28 3.83 6.98
C TYR B 72 14.18 4.51 8.04
N ARG B 73 15.48 4.51 7.80
CA ARG B 73 16.38 5.20 8.72
C ARG B 73 16.52 6.65 8.29
N LEU B 74 15.90 7.55 9.04
CA LEU B 74 16.05 8.97 8.78
C LEU B 74 17.19 9.45 9.65
N GLY B 75 18.25 9.97 9.03
CA GLY B 75 19.45 10.33 9.76
C GLY B 75 20.04 9.07 10.37
N ASP B 76 19.79 8.87 11.67
CA ASP B 76 20.18 7.62 12.33
C ASP B 76 19.11 7.10 13.29
N LYS B 77 17.85 7.37 12.96
CA LYS B 77 16.71 6.88 13.74
C LYS B 77 15.84 6.07 12.81
N ILE B 78 15.16 5.05 13.34
CA ILE B 78 14.31 4.18 12.52
C ILE B 78 12.87 4.65 12.56
N LEU B 79 12.34 5.13 11.44
CA LEU B 79 10.98 5.66 11.47
C LEU B 79 9.94 4.57 11.67
N GLN B 80 8.88 4.93 12.39
CA GLN B 80 7.67 4.09 12.40
C GLN B 80 6.59 4.83 11.61
N VAL B 81 6.01 4.19 10.61
CA VAL B 81 5.02 4.87 9.76
C VAL B 81 3.82 3.98 9.64
N SER B 82 2.62 4.54 9.80
CA SER B 82 1.43 3.71 9.84
C SER B 82 0.17 4.55 9.70
N PHE B 83 -0.97 3.93 9.39
CA PHE B 83 -2.23 4.70 9.38
C PHE B 83 -2.46 5.25 10.78
N LYS B 84 -2.77 6.54 10.89
CA LYS B 84 -3.08 7.13 12.20
C LYS B 84 -4.22 6.38 12.90
N THR B 85 -4.04 6.12 14.19
CA THR B 85 -5.12 5.60 15.02
C THR B 85 -5.76 6.70 15.86
N ASN B 86 -6.90 6.41 16.45
CA ASN B 86 -7.55 7.35 17.35
C ASN B 86 -6.93 7.33 18.75
N GLY C 7 7.16 -13.12 -7.32
CA GLY C 7 6.34 -12.05 -6.77
C GLY C 7 7.03 -11.34 -5.63
N TRP C 8 6.25 -10.63 -4.80
CA TRP C 8 6.79 -9.83 -3.69
C TRP C 8 6.67 -10.53 -2.33
N CYS C 9 7.79 -10.69 -1.66
CA CYS C 9 7.80 -11.42 -0.41
C CYS C 9 7.54 -10.51 0.80
N ILE C 10 6.64 -10.95 1.68
CA ILE C 10 6.21 -10.24 2.87
C ILE C 10 6.61 -11.04 4.12
N PHE C 11 7.26 -10.38 5.09
CA PHE C 11 7.64 -10.99 6.37
C PHE C 11 6.61 -10.61 7.44
N ILE C 12 6.18 -11.63 8.20
CA ILE C 12 5.26 -11.41 9.32
C ILE C 12 5.92 -11.96 10.61
N TYR C 13 6.04 -11.10 11.61
CA TYR C 13 6.53 -11.49 12.93
C TYR C 13 5.43 -11.36 13.96
N ASN C 14 5.53 -12.19 15.00
CA ASN C 14 4.56 -12.31 16.08
C ASN C 14 3.35 -13.17 15.77
N LEU C 15 3.52 -14.14 14.89
CA LEU C 15 2.59 -15.27 14.81
C LEU C 15 2.65 -16.05 16.14
N GLY C 16 1.57 -16.74 16.49
CA GLY C 16 1.56 -17.56 17.69
C GLY C 16 2.31 -18.88 17.48
N GLN C 17 2.61 -19.60 18.56
CA GLN C 17 3.37 -20.84 18.41
C GLN C 17 2.53 -21.89 17.69
N ASP C 18 1.21 -21.74 17.76
CA ASP C 18 0.30 -22.69 17.13
C ASP C 18 -0.19 -22.22 15.74
N ALA C 19 0.41 -21.14 15.24
CA ALA C 19 0.10 -20.66 13.89
C ALA C 19 0.29 -21.74 12.82
N ASP C 20 -0.61 -21.75 11.85
CA ASP C 20 -0.47 -22.64 10.70
C ASP C 20 -0.70 -21.85 9.41
N GLU C 21 -0.34 -22.47 8.29
CA GLU C 21 -0.40 -21.84 6.98
C GLU C 21 -1.78 -21.15 6.78
N GLY C 22 -2.82 -21.78 7.32
CA GLY C 22 -4.18 -21.29 7.16
C GLY C 22 -4.34 -19.86 7.61
N ILE C 23 -3.61 -19.47 8.66
CA ILE C 23 -3.76 -18.13 9.18
C ILE C 23 -3.19 -17.11 8.20
N LEU C 24 -2.09 -17.46 7.55
CA LEU C 24 -1.44 -16.59 6.60
C LEU C 24 -2.34 -16.43 5.38
N TRP C 25 -2.90 -17.54 4.90
CA TRP C 25 -3.87 -17.43 3.81
C TRP C 25 -5.06 -16.54 4.15
N GLN C 26 -5.64 -16.72 5.34
CA GLN C 26 -6.77 -15.89 5.75
C GLN C 26 -6.42 -14.43 5.86
N MET C 27 -5.23 -14.13 6.38
CA MET C 27 -4.90 -12.71 6.55
C MET C 27 -4.60 -12.01 5.23
N PHE C 28 -3.89 -12.68 4.34
CA PHE C 28 -3.42 -12.00 3.13
C PHE C 28 -4.28 -12.16 1.89
N GLY C 29 -4.95 -13.31 1.80
CA GLY C 29 -5.85 -13.59 0.69
C GLY C 29 -6.83 -12.46 0.38
N PRO C 30 -7.49 -11.89 1.40
CA PRO C 30 -8.45 -10.83 1.11
C PRO C 30 -7.87 -9.59 0.40
N PHE C 31 -6.55 -9.42 0.43
CA PHE C 31 -5.92 -8.22 -0.17
C PHE C 31 -5.53 -8.40 -1.65
N GLY C 32 -5.51 -9.63 -2.15
CA GLY C 32 -5.21 -9.80 -3.57
C GLY C 32 -4.59 -11.16 -3.86
N ALA C 33 -4.00 -11.31 -5.04
CA ALA C 33 -3.38 -12.59 -5.43
C ALA C 33 -2.23 -12.99 -4.50
N VAL C 34 -2.37 -14.15 -3.87
CA VAL C 34 -1.32 -14.73 -3.03
C VAL C 34 -0.88 -16.05 -3.66
N THR C 35 0.41 -16.25 -3.88
CA THR C 35 0.84 -17.48 -4.55
C THR C 35 1.47 -18.48 -3.60
N ASN C 36 1.89 -18.03 -2.42
CA ASN C 36 2.58 -18.94 -1.50
C ASN C 36 2.56 -18.39 -0.08
N VAL C 37 2.51 -19.27 0.92
CA VAL C 37 2.70 -18.81 2.32
C VAL C 37 3.61 -19.81 2.98
N LYS C 38 4.32 -19.39 4.03
CA LYS C 38 5.23 -20.31 4.74
C LYS C 38 5.27 -19.95 6.20
N VAL C 39 5.04 -20.93 7.08
CA VAL C 39 5.21 -20.67 8.51
C VAL C 39 6.52 -21.32 8.94
N ILE C 40 7.39 -20.61 9.65
CA ILE C 40 8.69 -21.17 10.02
C ILE C 40 8.52 -21.86 11.37
N ARG C 41 8.91 -23.13 11.43
CA ARG C 41 8.70 -23.96 12.61
C ARG C 41 10.00 -24.48 13.17
N ASP C 42 9.97 -24.88 14.44
CA ASP C 42 11.08 -25.61 15.03
C ASP C 42 10.72 -27.05 14.76
N PHE C 43 11.57 -27.79 14.06
CA PHE C 43 11.24 -29.17 13.70
C PHE C 43 10.88 -30.03 14.93
N ASN C 44 11.60 -29.85 16.03
CA ASN C 44 11.45 -30.74 17.17
C ASN C 44 10.32 -30.43 18.14
N THR C 45 9.79 -29.22 18.10
CA THR C 45 8.65 -28.96 18.96
C THR C 45 7.44 -28.86 18.07
N ASN C 46 7.71 -28.86 16.77
CA ASN C 46 6.69 -28.53 15.77
C ASN C 46 5.89 -27.28 16.13
N LYS C 47 6.54 -26.31 16.78
CA LYS C 47 5.93 -25.01 17.01
C LYS C 47 6.46 -23.96 16.04
N CYS C 48 5.60 -23.00 15.70
CA CYS C 48 6.02 -21.85 14.90
C CYS C 48 6.98 -20.98 15.71
N LYS C 49 8.08 -20.54 15.09
CA LYS C 49 9.07 -19.72 15.80
C LYS C 49 8.67 -18.26 15.93
N GLY C 50 7.46 -17.93 15.47
CA GLY C 50 6.92 -16.58 15.64
C GLY C 50 6.83 -15.79 14.33
N PHE C 51 7.29 -16.38 13.24
CA PHE C 51 7.30 -15.64 11.98
C PHE C 51 7.03 -16.51 10.77
N GLY C 52 6.68 -15.84 9.68
CA GLY C 52 6.33 -16.54 8.46
C GLY C 52 6.44 -15.55 7.30
N PHE C 53 6.11 -16.02 6.10
CA PHE C 53 6.29 -15.26 4.86
C PHE C 53 5.11 -15.47 3.96
N VAL C 54 4.76 -14.47 3.17
CA VAL C 54 3.72 -14.69 2.16
C VAL C 54 4.24 -14.07 0.88
N THR C 55 3.91 -14.64 -0.27
CA THR C 55 4.30 -14.01 -1.53
C THR C 55 3.04 -13.53 -2.27
N MET C 56 3.04 -12.25 -2.67
CA MET C 56 1.89 -11.71 -3.41
C MET C 56 2.36 -11.21 -4.76
N THR C 57 1.56 -11.41 -5.77
CA THR C 57 2.01 -11.14 -7.13
C THR C 57 2.10 -9.65 -7.42
N ASN C 58 1.16 -8.87 -6.90
CA ASN C 58 1.04 -7.46 -7.29
C ASN C 58 1.53 -6.49 -6.20
N TYR C 59 2.52 -5.68 -6.55
CA TYR C 59 3.16 -4.76 -5.63
C TYR C 59 2.16 -3.95 -4.79
N GLU C 60 1.19 -3.34 -5.47
CA GLU C 60 0.15 -2.49 -4.87
C GLU C 60 -0.73 -3.21 -3.85
N GLU C 61 -1.08 -4.45 -4.15
CA GLU C 61 -1.82 -5.26 -3.19
C GLU C 61 -0.95 -5.68 -1.99
N ALA C 62 0.30 -6.01 -2.25
CA ALA C 62 1.22 -6.35 -1.18
C ALA C 62 1.34 -5.17 -0.22
N ALA C 63 1.54 -3.96 -0.78
CA ALA C 63 1.62 -2.74 0.03
C ALA C 63 0.34 -2.52 0.82
N MET C 64 -0.83 -2.71 0.20
CA MET C 64 -2.08 -2.59 0.96
C MET C 64 -2.15 -3.57 2.16
N ALA C 65 -1.74 -4.82 1.91
CA ALA C 65 -1.71 -5.82 2.96
C ALA C 65 -0.74 -5.39 4.09
N ILE C 66 0.46 -4.92 3.72
CA ILE C 66 1.48 -4.54 4.70
C ILE C 66 1.01 -3.37 5.55
N ALA C 67 0.45 -2.33 4.91
CA ALA C 67 0.04 -1.14 5.63
C ALA C 67 -1.21 -1.42 6.49
N SER C 68 -2.05 -2.36 6.05
CA SER C 68 -3.29 -2.63 6.76
C SER C 68 -3.07 -3.60 7.93
N LEU C 69 -2.13 -4.54 7.77
CA LEU C 69 -1.94 -5.59 8.79
C LEU C 69 -0.84 -5.30 9.81
N ASN C 70 0.11 -4.43 9.48
CA ASN C 70 1.17 -4.11 10.42
C ASN C 70 0.55 -3.45 11.63
N GLY C 71 0.93 -3.88 12.83
CA GLY C 71 0.44 -3.26 14.04
C GLY C 71 -0.89 -3.87 14.48
N TYR C 72 -1.37 -4.83 13.68
CA TYR C 72 -2.66 -5.46 13.98
C TYR C 72 -2.57 -6.48 15.12
N ARG C 73 -3.54 -6.44 16.03
CA ARG C 73 -3.49 -7.33 17.19
C ARG C 73 -4.07 -8.72 16.90
N LEU C 74 -3.20 -9.73 16.82
CA LEU C 74 -3.60 -11.12 16.58
C LEU C 74 -3.33 -11.98 17.81
N GLY C 75 -4.38 -12.58 18.37
CA GLY C 75 -4.27 -13.20 19.67
C GLY C 75 -3.95 -12.09 20.66
N ASP C 76 -2.87 -12.25 21.42
CA ASP C 76 -2.49 -11.20 22.35
C ASP C 76 -1.21 -10.48 21.92
N LYS C 77 -0.84 -10.63 20.65
CA LYS C 77 0.39 -10.02 20.14
C LYS C 77 0.14 -9.03 19.02
N ILE C 78 1.05 -8.08 18.87
CA ILE C 78 1.01 -7.09 17.81
C ILE C 78 1.87 -7.54 16.64
N LEU C 79 1.20 -7.84 15.52
CA LEU C 79 1.90 -8.27 14.33
C LEU C 79 2.87 -7.24 13.83
N GLN C 80 4.02 -7.69 13.35
CA GLN C 80 4.88 -6.82 12.55
C GLN C 80 4.88 -7.33 11.12
N VAL C 81 4.45 -6.50 10.18
CA VAL C 81 4.33 -6.93 8.78
C VAL C 81 5.10 -5.97 7.91
N SER C 82 5.91 -6.50 7.00
CA SER C 82 6.74 -5.59 6.18
C SER C 82 7.27 -6.32 4.96
N PHE C 83 7.74 -5.61 3.93
CA PHE C 83 8.42 -6.28 2.82
C PHE C 83 9.66 -6.97 3.37
N LYS C 84 9.90 -8.20 2.92
CA LYS C 84 11.06 -8.99 3.37
C LYS C 84 12.36 -8.25 3.08
N THR C 85 13.28 -8.32 4.04
CA THR C 85 14.61 -7.78 3.90
C THR C 85 15.51 -8.76 3.16
N SER D 6 -21.12 -12.07 1.50
CA SER D 6 -20.41 -11.20 0.56
C SER D 6 -19.32 -11.98 -0.18
N GLY D 7 -19.19 -11.70 -1.48
CA GLY D 7 -18.23 -12.40 -2.32
C GLY D 7 -18.87 -13.47 -3.21
N TRP D 8 -18.10 -13.96 -4.16
CA TRP D 8 -18.58 -14.95 -5.13
C TRP D 8 -18.11 -16.38 -4.82
N CYS D 9 -19.06 -17.26 -4.64
CA CYS D 9 -18.81 -18.64 -4.25
C CYS D 9 -18.65 -19.57 -5.46
N ILE D 10 -17.53 -20.27 -5.49
CA ILE D 10 -17.14 -21.16 -6.56
C ILE D 10 -17.15 -22.60 -6.03
N PHE D 11 -17.78 -23.51 -6.78
CA PHE D 11 -17.81 -24.95 -6.50
C PHE D 11 -16.68 -25.64 -7.29
N ILE D 12 -15.95 -26.53 -6.63
CA ILE D 12 -14.94 -27.35 -7.31
C ILE D 12 -15.24 -28.82 -7.06
N TYR D 13 -15.31 -29.60 -8.14
CA TYR D 13 -15.51 -31.06 -8.04
C TYR D 13 -14.32 -31.80 -8.65
N ASN D 14 -14.00 -32.95 -8.04
CA ASN D 14 -12.86 -33.81 -8.38
C ASN D 14 -11.59 -33.51 -7.62
N LEU D 15 -11.76 -33.05 -6.38
CA LEU D 15 -10.68 -33.08 -5.41
C LEU D 15 -10.44 -34.53 -5.01
N GLY D 16 -9.21 -34.87 -4.64
CA GLY D 16 -8.89 -36.24 -4.30
C GLY D 16 -9.29 -36.55 -2.88
N GLN D 17 -9.11 -37.81 -2.49
CA GLN D 17 -9.48 -38.25 -1.16
C GLN D 17 -8.61 -37.55 -0.11
N ASP D 18 -7.39 -37.18 -0.47
CA ASP D 18 -6.48 -36.57 0.51
C ASP D 18 -6.40 -35.05 0.39
N ALA D 19 -7.31 -34.46 -0.40
CA ALA D 19 -7.32 -33.02 -0.61
C ALA D 19 -7.40 -32.28 0.72
N ASP D 20 -6.82 -31.09 0.78
CA ASP D 20 -6.95 -30.24 1.95
C ASP D 20 -7.09 -28.76 1.53
N GLU D 21 -7.37 -27.90 2.50
CA GLU D 21 -7.61 -26.50 2.18
C GLU D 21 -6.43 -25.86 1.45
N GLY D 22 -5.23 -26.33 1.77
CA GLY D 22 -4.03 -25.78 1.15
C GLY D 22 -4.08 -25.86 -0.37
N ILE D 23 -4.57 -26.97 -0.92
CA ILE D 23 -4.57 -27.08 -2.37
C ILE D 23 -5.55 -26.06 -2.99
N LEU D 24 -6.64 -25.75 -2.30
CA LEU D 24 -7.61 -24.79 -2.83
C LEU D 24 -7.03 -23.40 -2.80
N TRP D 25 -6.35 -23.04 -1.70
CA TRP D 25 -5.73 -21.72 -1.64
C TRP D 25 -4.65 -21.61 -2.73
N GLN D 26 -3.90 -22.69 -2.92
CA GLN D 26 -2.79 -22.66 -3.87
C GLN D 26 -3.29 -22.53 -5.30
N MET D 27 -4.42 -23.17 -5.56
CA MET D 27 -5.00 -23.11 -6.92
C MET D 27 -5.68 -21.78 -7.20
N PHE D 28 -6.41 -21.23 -6.22
CA PHE D 28 -7.21 -20.04 -6.50
C PHE D 28 -6.53 -18.71 -6.19
N GLY D 29 -5.69 -18.72 -5.15
CA GLY D 29 -4.98 -17.52 -4.72
C GLY D 29 -4.30 -16.74 -5.83
N PRO D 30 -3.63 -17.43 -6.78
CA PRO D 30 -2.93 -16.70 -7.85
C PRO D 30 -3.87 -15.84 -8.71
N PHE D 31 -5.18 -16.08 -8.64
CA PHE D 31 -6.11 -15.33 -9.52
C PHE D 31 -6.68 -14.06 -8.90
N GLY D 32 -6.51 -13.86 -7.60
CA GLY D 32 -7.08 -12.67 -6.99
C GLY D 32 -7.46 -12.89 -5.55
N ALA D 33 -8.17 -11.93 -4.97
CA ALA D 33 -8.47 -11.97 -3.55
C ALA D 33 -9.37 -13.15 -3.29
N VAL D 34 -8.96 -14.00 -2.34
CA VAL D 34 -9.74 -15.17 -1.89
C VAL D 34 -10.01 -14.99 -0.37
N THR D 35 -11.26 -15.14 0.05
CA THR D 35 -11.61 -14.86 1.45
C THR D 35 -11.95 -16.09 2.24
N ASN D 36 -12.08 -17.23 1.57
CA ASN D 36 -12.48 -18.43 2.27
C ASN D 36 -12.31 -19.62 1.34
N VAL D 37 -11.88 -20.75 1.89
CA VAL D 37 -11.92 -22.01 1.13
C VAL D 37 -12.39 -23.10 2.07
N LYS D 38 -12.99 -24.14 1.53
CA LYS D 38 -13.50 -25.21 2.35
C LYS D 38 -13.55 -26.51 1.57
N VAL D 39 -12.98 -27.56 2.14
CA VAL D 39 -13.09 -28.89 1.57
C VAL D 39 -14.19 -29.57 2.34
N ILE D 40 -15.14 -30.16 1.62
CA ILE D 40 -16.29 -30.78 2.26
C ILE D 40 -15.97 -32.24 2.57
N ARG D 41 -16.21 -32.65 3.82
CA ARG D 41 -15.85 -33.99 4.27
C ARG D 41 -17.03 -34.75 4.85
N ASP D 42 -16.99 -36.07 4.72
CA ASP D 42 -17.91 -36.96 5.43
C ASP D 42 -17.78 -36.76 6.95
N PHE D 43 -18.87 -36.40 7.62
CA PHE D 43 -18.86 -36.24 9.08
N CYS D 48 -12.74 -36.76 2.53
CA CYS D 48 -13.18 -35.76 1.51
C CYS D 48 -14.25 -36.34 0.59
N LYS D 49 -15.26 -35.54 0.29
CA LYS D 49 -16.34 -36.03 -0.57
C LYS D 49 -16.07 -35.86 -2.06
N GLY D 50 -14.95 -35.25 -2.42
CA GLY D 50 -14.67 -35.02 -3.82
C GLY D 50 -14.82 -33.56 -4.23
N PHE D 51 -15.42 -32.73 -3.38
CA PHE D 51 -15.68 -31.33 -3.73
C PHE D 51 -15.44 -30.34 -2.61
N GLY D 52 -15.44 -29.07 -3.00
CA GLY D 52 -15.13 -27.99 -2.07
C GLY D 52 -15.59 -26.66 -2.67
N PHE D 53 -15.32 -25.58 -1.94
CA PHE D 53 -15.81 -24.27 -2.31
C PHE D 53 -14.73 -23.24 -2.02
N VAL D 54 -14.74 -22.17 -2.81
CA VAL D 54 -13.83 -21.06 -2.56
C VAL D 54 -14.68 -19.83 -2.73
N THR D 55 -14.41 -18.79 -1.96
CA THR D 55 -15.11 -17.54 -2.14
C THR D 55 -14.10 -16.48 -2.57
N MET D 56 -14.40 -15.76 -3.65
CA MET D 56 -13.51 -14.72 -4.13
C MET D 56 -14.27 -13.41 -4.18
N THR D 57 -13.60 -12.31 -3.88
CA THR D 57 -14.25 -11.01 -3.74
C THR D 57 -14.67 -10.40 -5.06
N ASN D 58 -13.83 -10.54 -6.07
CA ASN D 58 -14.05 -9.80 -7.31
C ASN D 58 -14.54 -10.68 -8.45
N TYR D 59 -15.70 -10.34 -8.98
CA TYR D 59 -16.35 -11.20 -9.96
C TYR D 59 -15.45 -11.56 -11.13
N GLU D 60 -14.71 -10.57 -11.65
CA GLU D 60 -13.91 -10.81 -12.85
C GLU D 60 -12.73 -11.74 -12.54
N GLU D 61 -12.20 -11.64 -11.31
CA GLU D 61 -11.13 -12.56 -10.90
C GLU D 61 -11.66 -13.98 -10.71
N ALA D 62 -12.86 -14.08 -10.16
CA ALA D 62 -13.51 -15.38 -9.99
C ALA D 62 -13.73 -16.01 -11.37
N ALA D 63 -14.18 -15.19 -12.31
CA ALA D 63 -14.40 -15.65 -13.68
C ALA D 63 -13.09 -16.15 -14.31
N MET D 64 -12.01 -15.41 -14.10
N MET D 64 -12.00 -15.42 -14.13
CA MET D 64 -10.72 -15.85 -14.64
CA MET D 64 -10.71 -15.85 -14.67
C MET D 64 -10.31 -17.19 -14.02
C MET D 64 -10.24 -17.17 -14.02
N ALA D 65 -10.50 -17.32 -12.72
CA ALA D 65 -10.14 -18.55 -12.03
C ALA D 65 -10.94 -19.75 -12.60
N ILE D 66 -12.25 -19.59 -12.69
CA ILE D 66 -13.11 -20.63 -13.24
C ILE D 66 -12.68 -21.01 -14.66
N ALA D 67 -12.44 -20.02 -15.54
CA ALA D 67 -12.09 -20.34 -16.94
C ALA D 67 -10.72 -21.03 -17.04
N SER D 68 -9.81 -20.66 -16.15
CA SER D 68 -8.48 -21.26 -16.15
C SER D 68 -8.44 -22.67 -15.54
N LEU D 69 -9.26 -22.93 -14.52
CA LEU D 69 -9.20 -24.18 -13.77
C LEU D 69 -10.23 -25.25 -14.19
N ASN D 70 -11.37 -24.81 -14.73
CA ASN D 70 -12.37 -25.75 -15.19
C ASN D 70 -11.81 -26.58 -16.32
N GLY D 71 -11.66 -27.88 -16.11
CA GLY D 71 -11.02 -28.74 -17.08
C GLY D 71 -9.53 -28.96 -16.82
N TYR D 72 -9.01 -28.36 -15.75
CA TYR D 72 -7.60 -28.54 -15.39
C TYR D 72 -7.42 -29.92 -14.77
N ARG D 73 -6.29 -30.57 -15.04
CA ARG D 73 -6.02 -31.90 -14.50
C ARG D 73 -5.28 -31.84 -13.16
N LEU D 74 -5.94 -32.28 -12.09
CA LEU D 74 -5.34 -32.30 -10.76
C LEU D 74 -5.07 -33.76 -10.37
N GLY D 75 -3.81 -34.17 -10.44
CA GLY D 75 -3.47 -35.57 -10.30
C GLY D 75 -4.08 -36.38 -11.44
N ASP D 76 -5.01 -37.28 -11.11
CA ASP D 76 -5.60 -38.14 -12.12
C ASP D 76 -7.06 -37.81 -12.37
N LYS D 77 -7.47 -36.59 -12.03
CA LYS D 77 -8.85 -36.19 -12.24
C LYS D 77 -8.95 -34.85 -12.95
N ILE D 78 -10.02 -34.68 -13.71
CA ILE D 78 -10.27 -33.40 -14.38
C ILE D 78 -11.24 -32.58 -13.53
N LEU D 79 -10.77 -31.44 -13.06
CA LEU D 79 -11.55 -30.57 -12.20
C LEU D 79 -12.76 -30.03 -12.92
N GLN D 80 -13.86 -29.93 -12.19
CA GLN D 80 -15.03 -29.24 -12.70
C GLN D 80 -15.18 -28.04 -11.78
N VAL D 81 -15.14 -26.84 -12.35
CA VAL D 81 -15.08 -25.63 -11.52
C VAL D 81 -16.14 -24.71 -12.07
N SER D 82 -17.00 -24.19 -11.21
CA SER D 82 -18.11 -23.36 -11.68
C SER D 82 -18.66 -22.50 -10.56
N PHE D 83 -19.43 -21.45 -10.86
CA PHE D 83 -20.13 -20.74 -9.79
C PHE D 83 -21.12 -21.68 -9.12
N LYS D 84 -21.09 -21.71 -7.79
CA LYS D 84 -22.00 -22.53 -6.98
C LYS D 84 -23.43 -22.25 -7.37
N THR D 85 -24.22 -23.31 -7.47
CA THR D 85 -25.66 -23.21 -7.70
C THR D 85 -26.41 -23.53 -6.43
N ASN D 86 -27.69 -23.15 -6.38
CA ASN D 86 -28.54 -23.53 -5.25
C ASN D 86 -29.04 -24.98 -5.37
#